data_2G8L
#
_entry.id   2G8L
#
_cell.length_a   88.859
_cell.length_b   88.859
_cell.length_c   81.499
_cell.angle_alpha   90.000
_cell.angle_beta   90.000
_cell.angle_gamma   120.000
#
_symmetry.space_group_name_H-M   'P 31'
#
loop_
_entity.id
_entity.type
_entity.pdbx_description
1 polymer '287aa long hypothetical protein'
2 non-polymer 'UNKNOWN LIGAND'
3 non-polymer 1,2-ETHANEDIOL
4 water water
#
_entity_poly.entity_id   1
_entity_poly.type   'polypeptide(L)'
_entity_poly.pdbx_seq_one_letter_code
;(MSE)GSDKIHHHHHH(MSE)KVQYECLTC(MSE)ANQCQRIVE(MSE)ATQD(MSE)DIRRRA(MSE)ILAAKLLAKEY
NENAIPAIAGSLIFLELYKFLGNDDPFIEYKLKSEE(MSE)ARKVADIIKRKLKLDFELAVKLAIIGNVIDFSVGFSPED
LEEEVEK(MSE)LKDKLYIDDSKELFEEVKRAENILYITDNVGEHYFDAILIEKIREISNAEVYIAGKEGPIINDATVED
LKRAGLEKLGKVISTGTRIVGVPLKLVSREF(MSE)EAFNKADVIIAKGQGNFETLSEINDSRIFFLLKAKCPAVARELK
VPKGALVC(MSE)RNKFKL
;
_entity_poly.pdbx_strand_id   A,B
#
loop_
_chem_comp.id
_chem_comp.type
_chem_comp.name
_chem_comp.formula
EDO non-polymer 1,2-ETHANEDIOL 'C2 H6 O2'
UNL non-polymer 'UNKNOWN LIGAND' ?
#
# COMPACT_ATOMS: atom_id res chain seq x y z
CA HIS A 12 -24.13 -6.11 -5.66
C HIS A 12 -23.56 -5.57 -4.34
N MSE A 13 -22.30 -5.92 -4.07
CA MSE A 13 -21.55 -5.49 -2.87
C MSE A 13 -20.91 -4.10 -3.05
O MSE A 13 -19.99 -3.94 -3.87
CB MSE A 13 -20.45 -6.53 -2.52
CG MSE A 13 -20.11 -6.63 -1.04
SE MSE A 13 -18.19 -6.96 -0.59
CE MSE A 13 -17.33 -5.23 -1.28
N LYS A 14 -21.40 -3.11 -2.29
CA LYS A 14 -20.92 -1.70 -2.35
C LYS A 14 -19.39 -1.56 -2.18
N VAL A 15 -18.74 -0.84 -3.10
CA VAL A 15 -17.29 -0.72 -3.06
C VAL A 15 -16.89 0.17 -1.87
N GLN A 16 -15.79 -0.16 -1.22
CA GLN A 16 -15.37 0.52 -0.02
C GLN A 16 -14.19 1.43 -0.31
N TYR A 17 -14.02 2.47 0.50
CA TYR A 17 -13.00 3.49 0.19
C TYR A 17 -11.58 2.90 0.08
N GLU A 18 -11.28 1.83 0.79
CA GLU A 18 -9.92 1.31 0.79
C GLU A 18 -9.62 0.43 -0.41
N CYS A 19 -10.59 0.25 -1.30
CA CYS A 19 -10.41 -0.65 -2.41
C CYS A 19 -9.59 -0.07 -3.55
N LEU A 20 -9.49 1.26 -3.60
CA LEU A 20 -8.66 1.89 -4.61
C LEU A 20 -7.18 1.56 -4.41
N THR A 21 -6.65 1.75 -3.21
CA THR A 21 -5.27 1.38 -2.95
C THR A 21 -5.02 -0.13 -3.12
N CYS A 22 -5.94 -0.96 -2.67
CA CYS A 22 -5.83 -2.41 -2.88
CA CYS A 22 -5.79 -2.41 -2.89
C CYS A 22 -5.61 -2.74 -4.36
N MSE A 23 -6.46 -2.17 -5.20
CA MSE A 23 -6.37 -2.43 -6.61
C MSE A 23 -5.11 -1.84 -7.18
O MSE A 23 -4.47 -2.49 -7.97
CB MSE A 23 -7.58 -1.88 -7.36
CG MSE A 23 -8.84 -2.68 -7.08
SE MSE A 23 -10.45 -1.87 -7.90
CE MSE A 23 -10.07 -1.80 -9.34
N ALA A 24 -4.74 -0.63 -6.76
CA ALA A 24 -3.55 0.00 -7.27
C ALA A 24 -2.32 -0.82 -6.92
N ASN A 25 -2.32 -1.36 -5.72
CA ASN A 25 -1.19 -2.13 -5.24
C ASN A 25 -1.01 -3.38 -6.07
N GLN A 26 -2.13 -4.01 -6.36
CA GLN A 26 -2.14 -5.23 -7.18
C GLN A 26 -1.65 -4.93 -8.58
N CYS A 27 -2.09 -3.82 -9.15
CA CYS A 27 -1.56 -3.36 -10.44
C CYS A 27 -0.07 -3.24 -10.37
N GLN A 28 0.45 -2.66 -9.28
CA GLN A 28 1.88 -2.47 -9.18
C GLN A 28 2.62 -3.80 -9.06
N ARG A 29 2.09 -4.72 -8.26
CA ARG A 29 2.71 -6.03 -8.15
C ARG A 29 2.74 -6.75 -9.53
N ILE A 30 1.68 -6.61 -10.33
CA ILE A 30 1.67 -7.16 -11.68
C ILE A 30 2.79 -6.61 -12.58
N VAL A 31 2.91 -5.30 -12.64
CA VAL A 31 3.93 -4.68 -13.50
CA VAL A 31 3.90 -4.65 -13.47
C VAL A 31 5.32 -5.08 -13.03
N GLU A 32 5.51 -5.19 -11.73
CA GLU A 32 6.82 -5.58 -11.17
C GLU A 32 7.23 -7.02 -11.55
N MSE A 33 6.26 -7.90 -11.49
CA MSE A 33 6.43 -9.31 -11.80
C MSE A 33 6.67 -9.54 -13.29
O MSE A 33 7.37 -10.45 -13.68
CB MSE A 33 5.12 -9.96 -11.39
CG MSE A 33 5.06 -11.40 -11.28
SE MSE A 33 3.17 -11.63 -10.83
CE MSE A 33 3.12 -10.81 -9.15
N ALA A 34 6.07 -8.69 -14.11
CA ALA A 34 6.14 -8.81 -15.55
C ALA A 34 7.40 -8.30 -16.18
N THR A 35 8.06 -7.31 -15.57
CA THR A 35 9.19 -6.70 -16.22
C THR A 35 10.03 -5.95 -15.21
N GLN A 36 11.31 -5.80 -15.53
CA GLN A 36 12.25 -5.00 -14.74
C GLN A 36 12.52 -3.66 -15.41
N ASP A 37 11.92 -3.44 -16.57
CA ASP A 37 12.19 -2.26 -17.36
C ASP A 37 11.39 -1.15 -16.74
N MSE A 38 12.07 -0.12 -16.25
CA MSE A 38 11.41 0.93 -15.48
C MSE A 38 10.53 1.82 -16.32
O MSE A 38 9.62 2.45 -15.78
CB MSE A 38 12.45 1.77 -14.71
CG MSE A 38 13.19 0.98 -13.62
SE MSE A 38 12.03 0.57 -12.13
CE MSE A 38 13.17 -0.53 -11.03
N ASP A 39 10.84 1.97 -17.63
CA ASP A 39 10.03 2.80 -18.51
CA ASP A 39 10.01 2.78 -18.54
C ASP A 39 8.72 2.06 -18.87
N ILE A 40 8.79 0.75 -19.06
CA ILE A 40 7.58 -0.03 -19.29
C ILE A 40 6.70 -0.02 -18.04
N ARG A 41 7.33 -0.16 -16.87
CA ARG A 41 6.57 -0.11 -15.62
C ARG A 41 5.80 1.21 -15.46
N ARG A 42 6.46 2.34 -15.78
CA ARG A 42 5.85 3.66 -15.72
C ARG A 42 4.65 3.78 -16.66
N ARG A 43 4.86 3.37 -17.89
CA ARG A 43 3.80 3.44 -18.90
C ARG A 43 2.62 2.57 -18.51
N ALA A 44 2.89 1.41 -17.92
CA ALA A 44 1.85 0.53 -17.45
C ALA A 44 1.03 1.10 -16.30
N MSE A 45 1.71 1.79 -15.37
CA MSE A 45 1.04 2.41 -14.22
C MSE A 45 0.28 3.68 -14.65
O MSE A 45 -0.75 4.00 -14.07
CB MSE A 45 2.01 2.68 -13.07
CG MSE A 45 2.63 1.41 -12.46
SE MSE A 45 1.33 0.13 -11.85
CE MSE A 45 0.31 1.22 -10.75
N ILE A 46 0.78 4.38 -15.67
CA ILE A 46 0.01 5.48 -16.27
C ILE A 46 -1.30 4.96 -16.86
N LEU A 47 -1.27 3.82 -17.53
CA LEU A 47 -2.49 3.20 -18.03
C LEU A 47 -3.40 2.76 -16.84
N ALA A 48 -2.78 2.14 -15.84
CA ALA A 48 -3.50 1.68 -14.65
C ALA A 48 -4.31 2.78 -13.99
N ALA A 49 -3.72 3.96 -13.92
CA ALA A 49 -4.41 5.13 -13.36
C ALA A 49 -5.69 5.43 -14.14
N LYS A 50 -5.59 5.42 -15.47
CA LYS A 50 -6.77 5.69 -16.30
C LYS A 50 -7.83 4.63 -16.10
N LEU A 51 -7.41 3.36 -16.01
CA LEU A 51 -8.31 2.24 -15.83
C LEU A 51 -8.95 2.26 -14.46
N LEU A 52 -8.19 2.66 -13.46
CA LEU A 52 -8.75 2.84 -12.15
C LEU A 52 -9.86 3.88 -12.13
N ALA A 53 -9.62 5.02 -12.75
CA ALA A 53 -10.65 6.05 -12.81
C ALA A 53 -11.89 5.56 -13.56
N LYS A 54 -11.70 4.69 -14.54
CA LYS A 54 -12.80 4.13 -15.31
C LYS A 54 -13.62 3.18 -14.46
N GLU A 55 -12.96 2.27 -13.73
CA GLU A 55 -13.64 1.16 -13.10
C GLU A 55 -13.95 1.38 -11.64
N TYR A 56 -13.18 2.23 -10.95
CA TYR A 56 -13.44 2.49 -9.53
C TYR A 56 -14.50 3.57 -9.40
N ASN A 57 -15.74 3.12 -9.31
CA ASN A 57 -16.91 3.99 -9.31
C ASN A 57 -18.02 3.37 -8.43
N GLU A 58 -19.18 4.03 -8.38
CA GLU A 58 -20.17 3.65 -7.40
C GLU A 58 -20.74 2.30 -7.71
N ASN A 59 -20.63 1.86 -8.95
CA ASN A 59 -21.19 0.58 -9.37
C ASN A 59 -20.21 -0.58 -9.27
N ALA A 60 -18.97 -0.31 -8.88
CA ALA A 60 -17.91 -1.33 -8.94
C ALA A 60 -18.15 -2.43 -7.92
N ILE A 61 -17.92 -3.67 -8.36
CA ILE A 61 -17.67 -4.75 -7.44
C ILE A 61 -16.18 -5.03 -7.57
N PRO A 62 -15.42 -4.96 -6.47
CA PRO A 62 -13.94 -4.97 -6.57
C PRO A 62 -13.33 -6.19 -7.30
N ALA A 63 -13.88 -7.38 -7.09
CA ALA A 63 -13.40 -8.56 -7.79
C ALA A 63 -13.45 -8.38 -9.31
N ILE A 64 -14.55 -7.81 -9.79
CA ILE A 64 -14.81 -7.63 -11.21
C ILE A 64 -14.02 -6.43 -11.74
N ALA A 65 -14.17 -5.30 -11.08
CA ALA A 65 -13.49 -4.08 -11.49
C ALA A 65 -11.99 -4.32 -11.54
N GLY A 66 -11.44 -4.85 -10.46
CA GLY A 66 -10.02 -5.21 -10.43
C GLY A 66 -9.64 -6.12 -11.59
N SER A 67 -10.38 -7.22 -11.78
CA SER A 67 -10.02 -8.17 -12.83
C SER A 67 -9.99 -7.52 -14.21
N LEU A 68 -10.95 -6.66 -14.50
CA LEU A 68 -11.00 -6.02 -15.80
C LEU A 68 -9.77 -5.13 -16.03
N ILE A 69 -9.36 -4.41 -14.99
CA ILE A 69 -8.14 -3.64 -15.01
C ILE A 69 -6.92 -4.53 -15.20
N PHE A 70 -6.82 -5.59 -14.41
CA PHE A 70 -5.66 -6.48 -14.53
C PHE A 70 -5.51 -7.10 -15.91
N LEU A 71 -6.60 -7.53 -16.51
CA LEU A 71 -6.56 -8.08 -17.86
C LEU A 71 -6.07 -7.08 -18.89
N GLU A 72 -6.47 -5.83 -18.77
CA GLU A 72 -5.91 -4.80 -19.65
C GLU A 72 -4.43 -4.58 -19.45
N LEU A 73 -3.95 -4.70 -18.23
CA LEU A 73 -2.51 -4.65 -17.97
C LEU A 73 -1.78 -5.82 -18.58
N TYR A 74 -2.33 -7.03 -18.48
CA TYR A 74 -1.74 -8.19 -19.13
C TYR A 74 -1.58 -7.93 -20.64
N LYS A 75 -2.62 -7.35 -21.23
CA LYS A 75 -2.59 -7.00 -22.66
CA LYS A 75 -2.59 -7.02 -22.66
C LYS A 75 -1.52 -5.97 -22.97
N PHE A 76 -1.49 -4.88 -22.20
CA PHE A 76 -0.47 -3.84 -22.35
C PHE A 76 0.95 -4.44 -22.25
N LEU A 77 1.13 -5.38 -21.35
CA LEU A 77 2.46 -5.94 -21.10
C LEU A 77 2.84 -7.06 -22.09
N GLY A 78 1.87 -7.55 -22.85
CA GLY A 78 2.11 -8.68 -23.75
C GLY A 78 2.37 -9.99 -23.02
N ASN A 79 1.75 -10.14 -21.84
CA ASN A 79 1.96 -11.30 -20.98
C ASN A 79 0.61 -11.83 -20.57
N ASP A 80 0.30 -13.04 -21.02
CA ASP A 80 -0.98 -13.67 -20.75
C ASP A 80 -1.09 -14.21 -19.34
N ASP A 81 0.04 -14.32 -18.64
CA ASP A 81 0.03 -14.77 -17.27
C ASP A 81 1.31 -14.43 -16.55
N PRO A 82 1.39 -13.21 -16.01
CA PRO A 82 2.57 -12.79 -15.24
C PRO A 82 2.87 -13.59 -13.97
N PHE A 83 1.88 -14.33 -13.47
CA PHE A 83 1.95 -15.10 -12.23
C PHE A 83 2.42 -16.53 -12.44
N ILE A 84 2.74 -16.90 -13.66
CA ILE A 84 2.97 -18.29 -13.99
C ILE A 84 4.03 -19.00 -13.12
N GLU A 85 5.16 -18.38 -12.86
CA GLU A 85 6.18 -19.00 -12.04
C GLU A 85 5.75 -19.17 -10.58
N TYR A 86 5.00 -18.20 -10.04
CA TYR A 86 4.40 -18.35 -8.71
C TYR A 86 3.46 -19.50 -8.70
N LYS A 87 2.59 -19.57 -9.70
CA LYS A 87 1.60 -20.62 -9.79
C LYS A 87 2.23 -21.99 -9.90
N LEU A 88 3.25 -22.13 -10.75
CA LEU A 88 3.93 -23.43 -10.86
C LEU A 88 4.53 -23.83 -9.54
N LYS A 89 5.13 -22.87 -8.83
CA LYS A 89 5.71 -23.14 -7.51
C LYS A 89 4.60 -23.54 -6.50
N SER A 90 3.47 -22.85 -6.52
CA SER A 90 2.40 -23.15 -5.58
C SER A 90 1.78 -24.53 -5.85
N GLU A 91 1.61 -24.85 -7.12
CA GLU A 91 1.04 -26.13 -7.53
C GLU A 91 1.90 -27.29 -7.09
N GLU A 92 3.21 -27.15 -7.23
CA GLU A 92 4.14 -28.21 -6.87
C GLU A 92 4.09 -28.48 -5.37
N MSE A 93 4.20 -27.40 -4.60
CA MSE A 93 4.16 -27.46 -3.14
C MSE A 93 2.84 -28.03 -2.63
O MSE A 93 2.83 -28.92 -1.77
CB MSE A 93 4.36 -26.05 -2.58
CG MSE A 93 4.25 -25.93 -1.07
SE MSE A 93 5.65 -26.97 -0.16
CE MSE A 93 6.90 -25.50 0.24
N ALA A 94 1.72 -27.53 -3.18
CA ALA A 94 0.40 -27.97 -2.76
C ALA A 94 0.17 -29.45 -3.05
N ARG A 95 0.56 -29.88 -4.26
CA ARG A 95 0.41 -31.29 -4.65
C ARG A 95 1.13 -32.19 -3.66
N LYS A 96 2.38 -31.86 -3.38
CA LYS A 96 3.18 -32.60 -2.44
C LYS A 96 2.59 -32.60 -1.03
N VAL A 97 2.16 -31.45 -0.55
CA VAL A 97 1.57 -31.37 0.79
C VAL A 97 0.29 -32.22 0.90
N ALA A 98 -0.56 -32.08 -0.11
CA ALA A 98 -1.80 -32.82 -0.17
C ALA A 98 -1.53 -34.31 -0.20
N ASP A 99 -0.42 -34.74 -0.82
CA ASP A 99 -0.10 -36.19 -0.87
C ASP A 99 0.29 -36.72 0.50
N ILE A 100 0.98 -35.90 1.26
CA ILE A 100 1.35 -36.22 2.64
C ILE A 100 0.07 -36.38 3.48
N ILE A 101 -0.76 -35.35 3.44
CA ILE A 101 -2.04 -35.36 4.13
C ILE A 101 -2.84 -36.65 3.85
N LYS A 102 -2.92 -37.01 2.57
CA LYS A 102 -3.69 -38.18 2.12
C LYS A 102 -3.12 -39.50 2.67
N ARG A 103 -1.81 -39.53 2.89
CA ARG A 103 -1.15 -40.67 3.50
C ARG A 103 -1.31 -40.69 5.02
N LYS A 104 -1.20 -39.54 5.67
CA LYS A 104 -1.22 -39.49 7.13
C LYS A 104 -2.63 -39.46 7.73
N LEU A 105 -3.50 -38.62 7.20
CA LEU A 105 -4.74 -38.27 7.91
C LEU A 105 -5.99 -38.93 7.37
N LYS A 106 -6.84 -39.40 8.27
CA LYS A 106 -8.21 -39.73 7.93
C LYS A 106 -8.96 -38.48 8.34
N LEU A 107 -9.75 -37.93 7.42
CA LEU A 107 -10.52 -36.72 7.69
C LEU A 107 -12.01 -37.00 7.50
N ASP A 108 -12.81 -36.60 8.48
CA ASP A 108 -14.27 -36.55 8.31
C ASP A 108 -14.61 -35.31 7.47
N PHE A 109 -15.88 -35.14 7.18
CA PHE A 109 -16.34 -34.04 6.34
C PHE A 109 -16.04 -32.67 6.95
N GLU A 110 -16.28 -32.54 8.26
CA GLU A 110 -16.02 -31.28 8.95
C GLU A 110 -14.57 -30.83 8.76
N LEU A 111 -13.63 -31.76 8.96
CA LEU A 111 -12.21 -31.44 8.88
C LEU A 111 -11.80 -31.18 7.45
N ALA A 112 -12.40 -31.92 6.51
CA ALA A 112 -12.15 -31.72 5.10
C ALA A 112 -12.63 -30.33 4.62
N VAL A 113 -13.70 -29.83 5.24
CA VAL A 113 -14.16 -28.47 4.97
C VAL A 113 -13.12 -27.48 5.50
N LYS A 114 -12.67 -27.71 6.72
CA LYS A 114 -11.69 -26.82 7.34
C LYS A 114 -10.40 -26.80 6.52
N LEU A 115 -10.02 -27.97 6.00
CA LEU A 115 -8.83 -28.09 5.18
C LEU A 115 -8.92 -27.24 3.91
N ALA A 116 -10.08 -27.31 3.24
CA ALA A 116 -10.34 -26.51 2.03
C ALA A 116 -10.24 -25.01 2.31
N ILE A 117 -10.69 -24.60 3.49
CA ILE A 117 -10.58 -23.20 3.93
C ILE A 117 -9.12 -22.86 4.22
N ILE A 118 -8.44 -23.73 4.95
CA ILE A 118 -6.99 -23.60 5.16
C ILE A 118 -6.20 -23.44 3.84
N GLY A 119 -6.59 -24.21 2.83
CA GLY A 119 -5.97 -24.08 1.52
C GLY A 119 -6.17 -22.72 0.89
N ASN A 120 -7.27 -22.06 1.25
CA ASN A 120 -7.53 -20.65 0.88
C ASN A 120 -6.62 -19.66 1.62
N VAL A 121 -6.03 -20.12 2.72
CA VAL A 121 -5.23 -19.27 3.61
C VAL A 121 -3.74 -19.28 3.27
N ILE A 122 -3.25 -20.44 2.85
CA ILE A 122 -1.82 -20.66 2.69
C ILE A 122 -1.27 -20.10 1.40
N ASP A 123 -0.14 -19.41 1.51
CA ASP A 123 0.68 -19.04 0.38
C ASP A 123 1.65 -20.20 0.09
N PHE A 124 1.28 -21.00 -0.90
CA PHE A 124 2.07 -22.19 -1.29
C PHE A 124 3.31 -21.85 -2.11
N SER A 125 3.46 -20.59 -2.53
CA SER A 125 4.62 -20.18 -3.32
C SER A 125 5.86 -19.90 -2.47
N VAL A 126 5.73 -19.86 -1.15
CA VAL A 126 6.89 -19.59 -0.30
C VAL A 126 7.40 -20.87 0.37
N GLY A 127 8.71 -20.93 0.57
CA GLY A 127 9.32 -22.07 1.27
C GLY A 127 9.60 -23.26 0.36
N PHE A 128 10.28 -24.24 0.95
CA PHE A 128 10.79 -25.40 0.21
C PHE A 128 10.53 -26.73 0.92
N SER A 129 9.76 -26.72 2.02
CA SER A 129 9.52 -27.95 2.79
C SER A 129 8.04 -28.30 2.88
N PRO A 130 7.60 -29.27 2.07
CA PRO A 130 6.26 -29.86 2.20
C PRO A 130 5.98 -30.47 3.57
N GLU A 131 6.99 -31.09 4.20
CA GLU A 131 6.80 -31.62 5.55
C GLU A 131 6.48 -30.49 6.54
N ASP A 132 7.28 -29.42 6.55
CA ASP A 132 7.07 -28.31 7.50
C ASP A 132 5.72 -27.63 7.30
N LEU A 133 5.34 -27.46 6.05
CA LEU A 133 4.06 -26.84 5.76
C LEU A 133 2.90 -27.77 6.18
N GLU A 134 3.02 -29.06 5.84
CA GLU A 134 1.99 -30.04 6.21
C GLU A 134 1.83 -30.13 7.73
N GLU A 135 2.94 -30.02 8.45
CA GLU A 135 2.91 -29.94 9.91
C GLU A 135 2.12 -28.71 10.36
N GLU A 136 2.32 -27.57 9.68
CA GLU A 136 1.57 -26.35 10.04
C GLU A 136 0.08 -26.49 9.69
N VAL A 137 -0.23 -27.22 8.62
CA VAL A 137 -1.62 -27.51 8.25
C VAL A 137 -2.30 -28.34 9.33
N GLU A 138 -1.63 -29.39 9.79
CA GLU A 138 -2.14 -30.21 10.92
C GLU A 138 -2.41 -29.36 12.17
N LYS A 139 -1.57 -28.35 12.40
CA LYS A 139 -1.76 -27.40 13.51
C LYS A 139 -3.07 -26.66 13.34
N MSE A 140 -3.27 -26.14 12.13
CA MSE A 140 -4.43 -25.31 11.80
C MSE A 140 -5.75 -26.07 11.83
O MSE A 140 -6.78 -25.49 12.17
CB MSE A 140 -4.22 -24.68 10.43
CG MSE A 140 -3.08 -23.66 10.45
SE MSE A 140 -2.86 -22.73 8.74
CE MSE A 140 -1.83 -24.03 7.74
N LEU A 141 -5.72 -27.35 11.50
CA LEU A 141 -6.94 -28.17 11.53
C LEU A 141 -7.58 -28.29 12.93
N LYS A 142 -6.77 -28.07 13.97
CA LYS A 142 -7.24 -28.10 15.35
C LYS A 142 -7.91 -26.78 15.77
N ASP A 143 -7.76 -25.73 14.98
CA ASP A 143 -8.41 -24.45 15.31
C ASP A 143 -9.90 -24.44 14.91
N LYS A 144 -10.71 -23.78 15.74
CA LYS A 144 -12.14 -23.66 15.50
C LYS A 144 -12.37 -22.56 14.47
N LEU A 145 -13.23 -22.82 13.47
CA LEU A 145 -13.68 -21.79 12.53
C LEU A 145 -14.50 -20.76 13.29
N TYR A 146 -14.38 -19.48 12.92
CA TYR A 146 -15.16 -18.42 13.54
C TYR A 146 -16.65 -18.71 13.37
N ILE A 147 -17.03 -19.07 12.14
CA ILE A 147 -18.37 -19.54 11.85
C ILE A 147 -18.28 -20.86 11.10
N ASP A 148 -19.05 -21.84 11.56
CA ASP A 148 -18.96 -23.20 11.05
C ASP A 148 -20.36 -23.74 10.77
N ASP A 149 -20.78 -23.63 9.51
CA ASP A 149 -22.08 -24.17 9.08
C ASP A 149 -21.89 -25.48 8.31
N SER A 150 -20.85 -26.23 8.64
CA SER A 150 -20.49 -27.43 7.87
C SER A 150 -21.40 -28.64 8.13
N LYS A 151 -22.12 -28.63 9.28
CA LYS A 151 -23.14 -29.65 9.56
C LYS A 151 -24.35 -29.48 8.66
N GLU A 152 -24.83 -28.24 8.54
CA GLU A 152 -25.83 -27.92 7.51
C GLU A 152 -25.34 -28.34 6.10
N LEU A 153 -24.07 -28.02 5.78
CA LEU A 153 -23.51 -28.36 4.45
C LEU A 153 -23.51 -29.87 4.20
N PHE A 154 -23.05 -30.60 5.22
CA PHE A 154 -22.99 -32.05 5.21
C PHE A 154 -24.35 -32.65 4.82
N GLU A 155 -25.41 -32.18 5.47
CA GLU A 155 -26.74 -32.75 5.28
C GLU A 155 -27.31 -32.39 3.90
N GLU A 156 -27.05 -31.15 3.46
CA GLU A 156 -27.45 -30.68 2.13
C GLU A 156 -26.74 -31.47 1.03
N VAL A 157 -25.45 -31.71 1.25
CA VAL A 157 -24.62 -32.50 0.34
C VAL A 157 -25.13 -33.93 0.21
N LYS A 158 -25.46 -34.57 1.33
CA LYS A 158 -25.95 -35.95 1.31
C LYS A 158 -27.26 -36.06 0.50
N ARG A 159 -28.08 -35.02 0.56
CA ARG A 159 -29.37 -34.97 -0.14
C ARG A 159 -29.34 -34.42 -1.59
N ALA A 160 -28.28 -33.70 -1.97
CA ALA A 160 -28.18 -33.08 -3.30
C ALA A 160 -28.16 -34.12 -4.42
N GLU A 161 -28.77 -33.76 -5.56
CA GLU A 161 -28.63 -34.52 -6.80
C GLU A 161 -27.52 -33.91 -7.68
N ASN A 162 -27.31 -32.61 -7.52
CA ASN A 162 -26.28 -31.89 -8.23
C ASN A 162 -25.62 -30.91 -7.27
N ILE A 163 -24.29 -30.84 -7.37
CA ILE A 163 -23.50 -29.92 -6.59
C ILE A 163 -22.56 -29.15 -7.52
N LEU A 164 -22.42 -27.86 -7.25
CA LEU A 164 -21.48 -27.02 -7.97
C LEU A 164 -20.44 -26.52 -6.98
N TYR A 165 -19.18 -26.76 -7.30
CA TYR A 165 -18.04 -26.38 -6.46
C TYR A 165 -17.24 -25.30 -7.23
N ILE A 166 -17.17 -24.09 -6.70
CA ILE A 166 -16.55 -22.96 -7.37
C ILE A 166 -15.19 -22.67 -6.72
N THR A 167 -14.12 -22.94 -7.46
CA THR A 167 -12.77 -22.85 -6.95
C THR A 167 -12.28 -21.41 -6.90
N ASP A 168 -11.09 -21.26 -6.34
CA ASP A 168 -10.46 -19.97 -6.24
C ASP A 168 -9.03 -20.11 -6.80
N ASN A 169 -8.04 -20.28 -5.94
CA ASN A 169 -6.62 -20.18 -6.32
C ASN A 169 -5.99 -21.52 -6.63
N VAL A 170 -4.92 -21.49 -7.43
CA VAL A 170 -4.09 -22.67 -7.58
C VAL A 170 -3.37 -22.96 -6.24
N GLY A 171 -3.05 -24.22 -5.99
CA GLY A 171 -2.51 -24.64 -4.70
C GLY A 171 -3.69 -25.09 -3.87
N GLU A 172 -4.49 -24.13 -3.47
CA GLU A 172 -5.74 -24.37 -2.81
C GLU A 172 -6.56 -25.49 -3.48
N HIS A 173 -6.52 -25.56 -4.81
CA HIS A 173 -7.37 -26.50 -5.55
C HIS A 173 -7.02 -27.97 -5.30
N TYR A 174 -5.79 -28.23 -4.84
CA TYR A 174 -5.41 -29.58 -4.39
C TYR A 174 -6.09 -29.95 -3.05
N PHE A 175 -6.32 -28.95 -2.21
CA PHE A 175 -7.06 -29.15 -0.97
C PHE A 175 -8.56 -29.28 -1.30
N ASP A 176 -9.05 -28.44 -2.21
CA ASP A 176 -10.41 -28.60 -2.71
C ASP A 176 -10.69 -30.03 -3.21
N ALA A 177 -9.72 -30.61 -3.91
CA ALA A 177 -9.86 -31.98 -4.43
C ALA A 177 -10.08 -33.01 -3.31
N ILE A 178 -9.43 -32.78 -2.15
CA ILE A 178 -9.65 -33.65 -0.98
C ILE A 178 -11.11 -33.55 -0.50
N LEU A 179 -11.64 -32.33 -0.41
CA LEU A 179 -13.04 -32.17 0.00
C LEU A 179 -14.01 -32.79 -1.05
N ILE A 180 -13.71 -32.60 -2.34
CA ILE A 180 -14.57 -33.14 -3.40
C ILE A 180 -14.59 -34.67 -3.38
N GLU A 181 -13.45 -35.30 -3.11
CA GLU A 181 -13.38 -36.74 -2.90
C GLU A 181 -14.32 -37.14 -1.74
N LYS A 182 -14.20 -36.43 -0.61
CA LYS A 182 -15.07 -36.71 0.55
C LYS A 182 -16.53 -36.56 0.15
N ILE A 183 -16.87 -35.51 -0.61
CA ILE A 183 -18.25 -35.35 -1.10
C ILE A 183 -18.70 -36.58 -1.92
N ARG A 184 -17.85 -37.04 -2.84
CA ARG A 184 -18.14 -38.25 -3.65
C ARG A 184 -18.40 -39.52 -2.81
N GLU A 185 -17.74 -39.61 -1.66
CA GLU A 185 -17.92 -40.74 -0.76
C GLU A 185 -19.30 -40.74 -0.12
N ILE A 186 -19.84 -39.57 0.21
CA ILE A 186 -21.04 -39.50 1.05
C ILE A 186 -22.30 -39.05 0.32
N SER A 187 -22.20 -38.85 -0.98
CA SER A 187 -23.30 -38.30 -1.78
C SER A 187 -23.33 -38.99 -3.13
N ASN A 188 -24.52 -39.12 -3.70
CA ASN A 188 -24.69 -39.61 -5.07
C ASN A 188 -24.87 -38.45 -6.06
N ALA A 189 -24.60 -37.23 -5.63
CA ALA A 189 -24.74 -36.06 -6.50
C ALA A 189 -23.69 -36.09 -7.62
N GLU A 190 -24.09 -35.62 -8.81
CA GLU A 190 -23.14 -35.22 -9.83
C GLU A 190 -22.50 -33.93 -9.34
N VAL A 191 -21.18 -33.89 -9.36
CA VAL A 191 -20.41 -32.69 -8.97
C VAL A 191 -19.86 -31.98 -10.21
N TYR A 192 -20.21 -30.70 -10.33
CA TYR A 192 -19.65 -29.85 -11.35
C TYR A 192 -18.60 -29.02 -10.61
N ILE A 193 -17.45 -28.82 -11.25
CA ILE A 193 -16.34 -28.08 -10.61
C ILE A 193 -15.91 -26.97 -11.52
N ALA A 194 -16.05 -25.72 -11.08
CA ALA A 194 -15.86 -24.59 -11.97
C ALA A 194 -14.57 -23.87 -11.68
N GLY A 195 -13.80 -23.66 -12.75
CA GLY A 195 -12.61 -22.80 -12.74
C GLY A 195 -12.72 -21.69 -13.78
N LYS A 196 -11.70 -20.84 -13.83
CA LYS A 196 -11.69 -19.76 -14.79
C LYS A 196 -11.37 -20.24 -16.20
N GLU A 197 -11.79 -19.45 -17.18
CA GLU A 197 -11.53 -19.71 -18.59
C GLU A 197 -10.02 -19.61 -18.90
N GLY A 198 -9.32 -18.73 -18.21
CA GLY A 198 -7.94 -18.39 -18.52
C GLY A 198 -7.37 -17.71 -17.29
N PRO A 199 -6.04 -17.53 -17.26
CA PRO A 199 -5.39 -16.99 -16.08
C PRO A 199 -5.88 -15.60 -15.64
N ILE A 200 -6.06 -15.44 -14.35
CA ILE A 200 -6.28 -14.12 -13.73
C ILE A 200 -5.73 -14.25 -12.31
N ILE A 201 -4.77 -13.38 -12.00
CA ILE A 201 -3.97 -13.45 -10.77
C ILE A 201 -3.57 -14.91 -10.51
N ASN A 202 -3.74 -15.43 -9.29
CA ASN A 202 -3.44 -16.83 -8.99
C ASN A 202 -4.59 -17.81 -9.09
N ASP A 203 -5.71 -17.40 -9.71
CA ASP A 203 -6.88 -18.28 -9.79
C ASP A 203 -6.67 -19.52 -10.65
N ALA A 204 -7.30 -20.61 -10.21
CA ALA A 204 -7.26 -21.86 -10.92
C ALA A 204 -8.13 -21.79 -12.14
N THR A 205 -7.57 -22.19 -13.27
CA THR A 205 -8.29 -22.29 -14.51
C THR A 205 -8.79 -23.71 -14.71
N VAL A 206 -9.64 -23.89 -15.72
CA VAL A 206 -10.13 -25.20 -16.12
CA VAL A 206 -10.13 -25.22 -16.08
C VAL A 206 -8.97 -26.17 -16.36
N GLU A 207 -7.93 -25.68 -17.02
CA GLU A 207 -6.74 -26.52 -17.26
C GLU A 207 -6.04 -26.94 -15.95
N ASP A 208 -5.94 -26.02 -14.99
CA ASP A 208 -5.40 -26.36 -13.67
C ASP A 208 -6.20 -27.48 -13.01
N LEU A 209 -7.54 -27.41 -13.12
CA LEU A 209 -8.39 -28.37 -12.46
C LEU A 209 -8.23 -29.74 -13.11
N LYS A 210 -8.14 -29.75 -14.43
CA LYS A 210 -7.93 -30.98 -15.17
C LYS A 210 -6.58 -31.62 -14.84
N ARG A 211 -5.55 -30.81 -14.65
CA ARG A 211 -4.22 -31.32 -14.32
C ARG A 211 -4.15 -31.88 -12.91
N ALA A 212 -4.99 -31.36 -12.03
CA ALA A 212 -5.09 -31.93 -10.68
C ALA A 212 -5.92 -33.20 -10.66
N GLY A 213 -6.40 -33.67 -11.81
CA GLY A 213 -7.14 -34.95 -11.92
C GLY A 213 -8.63 -34.84 -11.62
N LEU A 214 -9.14 -33.62 -11.49
CA LEU A 214 -10.53 -33.39 -11.08
C LEU A 214 -11.62 -33.94 -11.99
N GLU A 215 -11.30 -34.20 -13.26
CA GLU A 215 -12.27 -34.84 -14.18
C GLU A 215 -12.64 -36.25 -13.76
N LYS A 216 -11.79 -36.86 -12.92
CA LYS A 216 -12.08 -38.17 -12.32
C LYS A 216 -13.19 -38.08 -11.26
N LEU A 217 -13.37 -36.90 -10.68
CA LEU A 217 -14.32 -36.68 -9.58
C LEU A 217 -15.63 -36.01 -10.00
N GLY A 218 -15.60 -35.21 -11.07
CA GLY A 218 -16.77 -34.49 -11.51
C GLY A 218 -16.60 -33.88 -12.89
N LYS A 219 -17.62 -33.14 -13.32
CA LYS A 219 -17.55 -32.41 -14.57
C LYS A 219 -16.85 -31.07 -14.34
N VAL A 220 -15.65 -30.94 -14.90
CA VAL A 220 -14.92 -29.69 -14.84
C VAL A 220 -15.43 -28.74 -15.92
N ILE A 221 -15.88 -27.56 -15.48
CA ILE A 221 -16.42 -26.56 -16.37
C ILE A 221 -15.77 -25.19 -16.14
N SER A 222 -15.88 -24.34 -17.16
CA SER A 222 -15.41 -22.96 -17.08
C SER A 222 -16.55 -22.05 -16.61
N THR A 223 -16.21 -20.97 -15.89
CA THR A 223 -17.12 -19.83 -15.69
C THR A 223 -17.38 -19.08 -17.00
N GLY A 224 -16.49 -19.29 -17.98
CA GLY A 224 -16.53 -18.55 -19.23
C GLY A 224 -15.85 -17.20 -19.20
N THR A 225 -15.14 -16.89 -18.11
CA THR A 225 -14.48 -15.61 -18.02
C THR A 225 -13.13 -15.74 -17.33
N ARG A 226 -12.31 -14.69 -17.45
CA ARG A 226 -11.03 -14.56 -16.72
C ARG A 226 -11.19 -13.49 -15.64
N ILE A 227 -12.36 -13.51 -15.00
CA ILE A 227 -12.66 -12.59 -13.91
C ILE A 227 -12.74 -13.38 -12.61
N VAL A 228 -12.14 -12.80 -11.56
CA VAL A 228 -12.18 -13.36 -10.22
C VAL A 228 -13.66 -13.47 -9.78
N GLY A 229 -14.00 -14.55 -9.10
CA GLY A 229 -15.37 -14.74 -8.66
C GLY A 229 -16.32 -15.14 -9.78
N VAL A 230 -17.56 -14.70 -9.68
CA VAL A 230 -18.62 -15.16 -10.55
C VAL A 230 -19.42 -13.98 -10.97
N PRO A 231 -19.00 -13.32 -12.05
CA PRO A 231 -19.71 -12.18 -12.58
C PRO A 231 -20.96 -12.58 -13.34
N LEU A 232 -22.10 -12.49 -12.65
CA LEU A 232 -23.34 -13.10 -13.10
C LEU A 232 -23.86 -12.54 -14.43
N LYS A 233 -23.46 -11.34 -14.79
CA LYS A 233 -23.78 -10.82 -16.13
C LYS A 233 -22.84 -11.26 -17.25
N LEU A 234 -21.69 -11.83 -16.89
CA LEU A 234 -20.66 -12.17 -17.89
C LEU A 234 -20.41 -13.67 -18.03
N VAL A 235 -20.89 -14.48 -17.09
CA VAL A 235 -20.61 -15.93 -17.14
C VAL A 235 -21.33 -16.64 -18.29
N SER A 236 -20.80 -17.81 -18.67
CA SER A 236 -21.30 -18.54 -19.80
C SER A 236 -22.67 -19.12 -19.52
N ARG A 237 -23.43 -19.35 -20.59
CA ARG A 237 -24.69 -20.07 -20.48
C ARG A 237 -24.48 -21.47 -19.88
N GLU A 238 -23.39 -22.14 -20.25
CA GLU A 238 -23.07 -23.46 -19.65
C GLU A 238 -22.89 -23.35 -18.13
N PHE A 239 -22.18 -22.32 -17.68
CA PHE A 239 -22.01 -22.16 -16.25
C PHE A 239 -23.37 -21.86 -15.59
N MSE A 240 -24.16 -20.98 -16.21
CA MSE A 240 -25.46 -20.59 -15.64
C MSE A 240 -26.38 -21.78 -15.51
O MSE A 240 -27.13 -21.89 -14.55
CB MSE A 240 -26.13 -19.54 -16.51
CG MSE A 240 -25.37 -18.23 -16.54
SE MSE A 240 -26.34 -16.74 -17.38
CE MSE A 240 -26.92 -15.69 -15.65
N GLU A 241 -26.32 -22.66 -16.50
CA GLU A 241 -27.08 -23.90 -16.45
C GLU A 241 -26.64 -24.81 -15.29
N ALA A 242 -25.34 -24.88 -15.02
CA ALA A 242 -24.85 -25.66 -13.88
C ALA A 242 -25.23 -24.99 -12.55
N PHE A 243 -25.14 -23.68 -12.52
CA PHE A 243 -25.49 -22.90 -11.35
C PHE A 243 -26.99 -23.12 -11.01
N ASN A 244 -27.84 -22.99 -12.02
CA ASN A 244 -29.27 -23.30 -11.84
C ASN A 244 -29.58 -24.75 -11.40
N LYS A 245 -28.83 -25.71 -11.94
CA LYS A 245 -29.08 -27.12 -11.67
C LYS A 245 -28.67 -27.52 -10.23
N ALA A 246 -27.66 -26.84 -9.71
CA ALA A 246 -27.12 -27.13 -8.38
C ALA A 246 -28.17 -27.16 -7.27
N ASP A 247 -28.06 -28.12 -6.36
CA ASP A 247 -28.84 -28.08 -5.13
C ASP A 247 -28.02 -27.48 -4.00
N VAL A 248 -26.72 -27.59 -4.11
CA VAL A 248 -25.80 -26.95 -3.19
C VAL A 248 -24.68 -26.39 -4.03
N ILE A 249 -24.23 -25.19 -3.65
CA ILE A 249 -23.09 -24.52 -4.25
C ILE A 249 -22.04 -24.23 -3.16
N ILE A 250 -20.82 -24.71 -3.36
CA ILE A 250 -19.68 -24.42 -2.46
C ILE A 250 -18.79 -23.41 -3.20
N ALA A 251 -18.61 -22.24 -2.60
CA ALA A 251 -17.84 -21.14 -3.18
C ALA A 251 -16.65 -20.83 -2.28
N LYS A 252 -15.46 -21.00 -2.86
CA LYS A 252 -14.19 -20.71 -2.20
C LYS A 252 -13.76 -19.27 -2.38
N GLY A 253 -13.39 -18.65 -1.26
CA GLY A 253 -12.61 -17.43 -1.29
C GLY A 253 -13.42 -16.16 -1.33
N GLN A 254 -12.73 -15.05 -1.18
CA GLN A 254 -13.36 -13.72 -1.07
C GLN A 254 -14.04 -13.27 -2.35
N GLY A 255 -13.39 -13.49 -3.47
CA GLY A 255 -13.91 -13.06 -4.77
C GLY A 255 -15.26 -13.68 -5.11
N ASN A 256 -15.36 -15.00 -4.94
CA ASN A 256 -16.61 -15.71 -5.10
C ASN A 256 -17.66 -15.15 -4.13
N PHE A 257 -17.26 -14.89 -2.90
CA PHE A 257 -18.18 -14.26 -1.96
C PHE A 257 -18.67 -12.87 -2.40
N GLU A 258 -17.77 -12.00 -2.81
CA GLU A 258 -18.15 -10.66 -3.18
C GLU A 258 -19.15 -10.65 -4.32
N THR A 259 -18.99 -11.56 -5.26
CA THR A 259 -19.82 -11.58 -6.43
C THR A 259 -21.15 -12.29 -6.21
N LEU A 260 -21.21 -13.19 -5.22
CA LEU A 260 -22.41 -14.01 -4.99
C LEU A 260 -23.24 -13.60 -3.79
N SER A 261 -22.68 -12.75 -2.93
CA SER A 261 -23.31 -12.32 -1.68
C SER A 261 -24.56 -11.48 -1.93
N GLU A 262 -24.63 -10.88 -3.11
CA GLU A 262 -25.77 -10.07 -3.53
C GLU A 262 -27.09 -10.84 -3.59
N ILE A 263 -27.05 -12.14 -3.92
CA ILE A 263 -28.29 -12.86 -4.25
C ILE A 263 -28.86 -13.62 -3.05
N ASN A 264 -30.19 -13.71 -3.00
CA ASN A 264 -30.88 -14.39 -1.92
C ASN A 264 -31.08 -15.85 -2.31
N ASP A 265 -30.11 -16.67 -1.90
CA ASP A 265 -29.96 -18.03 -2.39
C ASP A 265 -29.27 -18.82 -1.31
N SER A 266 -30.04 -19.60 -0.57
CA SER A 266 -29.53 -20.38 0.55
C SER A 266 -28.81 -21.68 0.14
N ARG A 267 -28.69 -21.94 -1.15
CA ARG A 267 -27.90 -23.06 -1.61
C ARG A 267 -26.41 -22.81 -1.45
N ILE A 268 -26.04 -21.54 -1.32
CA ILE A 268 -24.62 -21.17 -1.39
C ILE A 268 -23.96 -21.12 0.00
N PHE A 269 -22.82 -21.81 0.08
CA PHE A 269 -21.98 -21.84 1.27
C PHE A 269 -20.63 -21.24 0.92
N PHE A 270 -20.22 -20.22 1.66
CA PHE A 270 -18.93 -19.57 1.45
C PHE A 270 -17.85 -20.14 2.39
N LEU A 271 -16.76 -20.60 1.81
CA LEU A 271 -15.65 -21.16 2.55
C LEU A 271 -14.48 -20.24 2.23
N LEU A 272 -14.11 -19.41 3.20
CA LEU A 272 -13.06 -18.42 3.00
C LEU A 272 -12.45 -17.92 4.30
N LYS A 273 -11.31 -17.25 4.16
CA LYS A 273 -10.77 -16.36 5.17
C LYS A 273 -11.09 -14.94 4.76
N ALA A 274 -11.60 -14.16 5.72
CA ALA A 274 -11.91 -12.75 5.50
C ALA A 274 -10.63 -11.90 5.62
N LYS A 275 -9.77 -12.04 4.62
CA LYS A 275 -8.46 -11.43 4.60
C LYS A 275 -8.53 -9.91 4.59
N CYS A 276 -9.38 -9.32 3.73
CA CYS A 276 -9.44 -7.86 3.67
CA CYS A 276 -9.48 -7.86 3.60
C CYS A 276 -10.57 -7.28 4.53
N PRO A 277 -10.37 -6.03 5.01
CA PRO A 277 -11.35 -5.42 5.94
C PRO A 277 -12.72 -5.14 5.32
N ALA A 278 -12.76 -4.84 4.02
CA ALA A 278 -14.02 -4.66 3.30
C ALA A 278 -14.90 -5.92 3.37
N VAL A 279 -14.27 -7.08 3.15
CA VAL A 279 -14.95 -8.39 3.20
C VAL A 279 -15.38 -8.76 4.61
N ALA A 280 -14.48 -8.54 5.55
CA ALA A 280 -14.77 -8.75 6.97
C ALA A 280 -15.97 -7.93 7.37
N ARG A 281 -15.95 -6.65 6.98
CA ARG A 281 -17.04 -5.71 7.22
C ARG A 281 -18.35 -6.17 6.61
N GLU A 282 -18.31 -6.62 5.36
CA GLU A 282 -19.50 -7.15 4.68
C GLU A 282 -20.00 -8.46 5.33
N LEU A 283 -19.09 -9.38 5.65
CA LEU A 283 -19.45 -10.61 6.37
C LEU A 283 -19.89 -10.37 7.82
N LYS A 284 -19.51 -9.22 8.39
CA LYS A 284 -19.80 -8.89 9.79
C LYS A 284 -19.04 -9.85 10.73
N VAL A 285 -17.72 -9.96 10.51
CA VAL A 285 -16.85 -10.84 11.27
C VAL A 285 -15.50 -10.15 11.48
N PRO A 286 -14.69 -10.62 12.44
CA PRO A 286 -13.38 -10.02 12.63
C PRO A 286 -12.47 -10.21 11.44
N LYS A 287 -11.53 -9.28 11.26
CA LYS A 287 -10.59 -9.38 10.16
C LYS A 287 -9.76 -10.66 10.34
N GLY A 288 -9.55 -11.38 9.25
CA GLY A 288 -8.79 -12.62 9.27
C GLY A 288 -9.55 -13.85 9.72
N ALA A 289 -10.85 -13.70 9.98
CA ALA A 289 -11.66 -14.85 10.40
C ALA A 289 -11.86 -15.91 9.30
N LEU A 290 -11.82 -17.18 9.71
CA LEU A 290 -12.06 -18.30 8.82
C LEU A 290 -13.49 -18.73 9.01
N VAL A 291 -14.21 -18.90 7.90
CA VAL A 291 -15.63 -19.23 7.97
C VAL A 291 -16.06 -20.29 6.99
N CYS A 292 -17.06 -21.06 7.41
CA CYS A 292 -17.89 -21.85 6.53
C CYS A 292 -19.28 -21.32 6.78
N MSE A 293 -19.76 -20.47 5.88
CA MSE A 293 -20.96 -19.73 6.14
C MSE A 293 -21.98 -19.83 5.03
O MSE A 293 -21.72 -19.46 3.90
CB MSE A 293 -20.63 -18.27 6.31
CG MSE A 293 -21.81 -17.47 6.75
SE MSE A 293 -21.34 -15.62 6.75
CE MSE A 293 -19.52 -15.79 7.66
N ARG A 294 -23.17 -20.31 5.40
CA ARG A 294 -24.29 -20.35 4.49
C ARG A 294 -24.78 -18.92 4.19
N ASN A 295 -25.02 -18.64 2.92
CA ASN A 295 -25.65 -17.38 2.46
C ASN A 295 -27.03 -17.22 3.13
N LYS A 296 -27.28 -16.08 3.78
CA LYS A 296 -28.50 -15.88 4.60
C LYS A 296 -29.37 -14.72 4.12
N LYS B 14 11.84 11.81 -14.72
CA LYS B 14 10.37 11.72 -14.95
C LYS B 14 9.56 11.52 -13.65
N VAL B 15 8.33 11.08 -13.83
CA VAL B 15 7.57 10.43 -12.80
C VAL B 15 8.01 8.95 -12.84
N GLN B 16 7.99 8.29 -11.69
CA GLN B 16 8.38 6.90 -11.58
C GLN B 16 7.16 6.05 -11.35
N TYR B 17 7.29 4.77 -11.62
CA TYR B 17 6.15 3.87 -11.63
C TYR B 17 5.50 3.68 -10.26
N GLU B 18 6.28 3.85 -9.21
CA GLU B 18 5.74 3.74 -7.86
C GLU B 18 4.88 4.94 -7.43
N CYS B 19 4.88 6.02 -8.21
CA CYS B 19 4.27 7.24 -7.74
C CYS B 19 2.76 7.17 -7.65
N LEU B 20 2.14 6.31 -8.46
CA LEU B 20 0.69 6.19 -8.41
C LEU B 20 0.24 5.66 -7.06
N THR B 21 0.83 4.55 -6.60
CA THR B 21 0.43 3.99 -5.29
C THR B 21 0.82 4.91 -4.14
N CYS B 22 1.95 5.57 -4.26
CA CYS B 22 2.37 6.54 -3.27
CA CYS B 22 2.35 6.56 -3.26
C CYS B 22 1.30 7.66 -3.11
N MSE B 23 0.83 8.21 -4.24
CA MSE B 23 -0.17 9.23 -4.17
C MSE B 23 -1.51 8.72 -3.68
O MSE B 23 -2.17 9.40 -2.90
CB MSE B 23 -0.32 9.91 -5.53
CG MSE B 23 0.81 10.95 -5.80
SE MSE B 23 0.62 11.65 -7.62
CE MSE B 23 1.78 10.54 -8.48
N ALA B 24 -1.94 7.55 -4.15
CA ALA B 24 -3.21 6.97 -3.70
C ALA B 24 -3.24 6.72 -2.20
N ASN B 25 -2.12 6.21 -1.68
CA ASN B 25 -1.96 5.94 -0.24
C ASN B 25 -2.09 7.23 0.57
N GLN B 26 -1.49 8.32 0.08
CA GLN B 26 -1.64 9.62 0.73
C GLN B 26 -3.06 10.12 0.66
N CYS B 27 -3.71 9.98 -0.50
CA CYS B 27 -5.10 10.28 -0.61
C CYS B 27 -5.95 9.55 0.44
N GLN B 28 -5.70 8.27 0.57
CA GLN B 28 -6.43 7.47 1.54
C GLN B 28 -6.20 7.98 2.97
N ARG B 29 -4.97 8.31 3.28
CA ARG B 29 -4.67 8.84 4.62
C ARG B 29 -5.41 10.14 4.88
N ILE B 30 -5.51 11.00 3.85
CA ILE B 30 -6.25 12.27 3.96
C ILE B 30 -7.73 12.03 4.28
N VAL B 31 -8.40 11.10 3.58
CA VAL B 31 -9.80 10.88 3.81
C VAL B 31 -10.04 10.26 5.18
N GLU B 32 -9.14 9.37 5.62
CA GLU B 32 -9.23 8.76 6.93
C GLU B 32 -9.08 9.78 8.05
N MSE B 33 -8.14 10.69 7.92
CA MSE B 33 -8.00 11.78 8.90
C MSE B 33 -9.17 12.74 8.93
O MSE B 33 -9.52 13.24 9.98
CB MSE B 33 -6.81 12.67 8.58
CG MSE B 33 -5.54 11.97 8.35
SE MSE B 33 -4.28 12.87 9.36
CE MSE B 33 -5.30 12.69 11.11
N ALA B 34 -9.74 13.04 7.76
CA ALA B 34 -10.76 14.06 7.65
C ALA B 34 -12.13 13.64 8.18
N THR B 35 -12.47 12.36 8.03
CA THR B 35 -13.79 11.91 8.43
C THR B 35 -13.82 10.44 8.83
N GLN B 36 -14.79 10.10 9.68
CA GLN B 36 -15.09 8.71 10.00
C GLN B 36 -16.26 8.16 9.15
N ASP B 37 -16.89 9.01 8.35
CA ASP B 37 -18.05 8.63 7.57
C ASP B 37 -17.57 7.83 6.36
N MSE B 38 -17.92 6.56 6.31
CA MSE B 38 -17.50 5.66 5.24
C MSE B 38 -18.03 6.01 3.86
O MSE B 38 -17.39 5.67 2.83
CB MSE B 38 -17.95 4.24 5.58
CG MSE B 38 -17.24 3.68 6.83
SE MSE B 38 -15.33 3.31 6.57
CE MSE B 38 -15.55 1.81 5.48
N ASP B 39 -19.20 6.64 3.81
CA ASP B 39 -19.78 7.06 2.54
C ASP B 39 -19.03 8.22 1.96
N ILE B 40 -18.67 9.18 2.80
CA ILE B 40 -17.86 10.30 2.39
C ILE B 40 -16.45 9.80 1.97
N ARG B 41 -15.86 8.89 2.74
CA ARG B 41 -14.58 8.31 2.32
C ARG B 41 -14.65 7.67 0.95
N ARG B 42 -15.71 6.93 0.69
CA ARG B 42 -15.87 6.27 -0.63
C ARG B 42 -15.94 7.31 -1.74
N ARG B 43 -16.82 8.29 -1.58
CA ARG B 43 -16.97 9.34 -2.56
C ARG B 43 -15.68 10.11 -2.79
N ALA B 44 -14.92 10.33 -1.71
CA ALA B 44 -13.65 11.05 -1.81
C ALA B 44 -12.64 10.27 -2.60
N MSE B 45 -12.61 8.94 -2.39
CA MSE B 45 -11.66 8.11 -3.11
C MSE B 45 -12.02 7.91 -4.59
O MSE B 45 -11.13 7.74 -5.40
CB MSE B 45 -11.45 6.77 -2.45
CG MSE B 45 -10.78 6.88 -1.09
SE MSE B 45 -9.11 7.86 -1.00
CE MSE B 45 -8.07 6.74 -2.06
N ILE B 46 -13.31 7.89 -4.91
CA ILE B 46 -13.78 7.83 -6.28
C ILE B 46 -13.31 9.10 -6.99
N LEU B 47 -13.45 10.26 -6.36
CA LEU B 47 -12.92 11.50 -6.91
C LEU B 47 -11.39 11.44 -7.09
N ALA B 48 -10.70 10.93 -6.08
CA ALA B 48 -9.23 10.79 -6.10
C ALA B 48 -8.78 9.99 -7.31
N ALA B 49 -9.48 8.90 -7.61
CA ALA B 49 -9.12 8.06 -8.75
C ALA B 49 -9.15 8.88 -10.02
N LYS B 50 -10.17 9.71 -10.16
CA LYS B 50 -10.30 10.55 -11.34
C LYS B 50 -9.20 11.58 -11.37
N LEU B 51 -8.89 12.17 -10.21
CA LEU B 51 -7.83 13.17 -10.21
C LEU B 51 -6.44 12.56 -10.46
N LEU B 52 -6.21 11.35 -9.95
CA LEU B 52 -4.95 10.69 -10.20
C LEU B 52 -4.76 10.43 -11.68
N ALA B 53 -5.83 10.02 -12.34
CA ALA B 53 -5.80 9.75 -13.75
C ALA B 53 -5.51 11.03 -14.54
N LYS B 54 -6.02 12.15 -14.05
CA LYS B 54 -5.80 13.43 -14.71
C LYS B 54 -4.36 13.87 -14.53
N GLU B 55 -3.82 13.69 -13.32
CA GLU B 55 -2.50 14.24 -13.00
C GLU B 55 -1.31 13.30 -13.20
N TYR B 56 -1.55 12.00 -13.22
CA TYR B 56 -0.45 11.02 -13.25
C TYR B 56 -0.16 10.67 -14.68
N ASN B 57 0.76 11.42 -15.26
CA ASN B 57 1.18 11.20 -16.64
C ASN B 57 2.67 11.48 -16.77
N GLU B 58 3.22 11.21 -17.96
CA GLU B 58 4.67 11.20 -18.21
C GLU B 58 5.33 12.52 -17.84
N ASN B 59 4.62 13.62 -18.09
CA ASN B 59 5.09 14.97 -17.80
C ASN B 59 4.93 15.42 -16.34
N ALA B 60 4.33 14.59 -15.49
CA ALA B 60 3.98 14.99 -14.14
C ALA B 60 5.20 15.14 -13.22
N ILE B 61 5.14 16.16 -12.36
CA ILE B 61 6.07 16.30 -11.23
C ILE B 61 5.32 15.90 -9.97
N PRO B 62 5.68 14.77 -9.36
CA PRO B 62 4.82 14.20 -8.32
C PRO B 62 4.57 15.10 -7.11
N ALA B 63 5.54 15.90 -6.68
CA ALA B 63 5.29 16.79 -5.53
C ALA B 63 4.18 17.76 -5.84
N ILE B 64 4.21 18.30 -7.04
CA ILE B 64 3.24 19.27 -7.47
C ILE B 64 1.91 18.59 -7.81
N ALA B 65 1.98 17.48 -8.55
CA ALA B 65 0.77 16.83 -9.00
C ALA B 65 -0.03 16.37 -7.79
N GLY B 66 0.65 15.60 -6.92
CA GLY B 66 0.10 15.13 -5.66
C GLY B 66 -0.52 16.23 -4.83
N SER B 67 0.21 17.32 -4.66
CA SER B 67 -0.26 18.44 -3.86
C SER B 67 -1.56 19.03 -4.37
N LEU B 68 -1.64 19.20 -5.68
CA LEU B 68 -2.88 19.73 -6.26
C LEU B 68 -4.05 18.78 -6.05
N ILE B 69 -3.83 17.48 -6.18
CA ILE B 69 -4.84 16.49 -5.83
C ILE B 69 -5.26 16.60 -4.37
N PHE B 70 -4.29 16.64 -3.47
CA PHE B 70 -4.58 16.70 -2.04
C PHE B 70 -5.42 17.95 -1.70
N LEU B 71 -5.07 19.09 -2.27
CA LEU B 71 -5.80 20.33 -1.99
C LEU B 71 -7.22 20.29 -2.56
N GLU B 72 -7.42 19.64 -3.71
CA GLU B 72 -8.78 19.45 -4.19
C GLU B 72 -9.58 18.53 -3.27
N LEU B 73 -8.97 17.48 -2.72
CA LEU B 73 -9.66 16.65 -1.75
C LEU B 73 -10.00 17.40 -0.49
N TYR B 74 -9.13 18.32 -0.08
CA TYR B 74 -9.41 19.13 1.11
C TYR B 74 -10.71 19.88 0.87
N LYS B 75 -10.82 20.49 -0.30
CA LYS B 75 -12.05 21.19 -0.69
C LYS B 75 -13.25 20.25 -0.73
N PHE B 76 -13.08 19.09 -1.33
CA PHE B 76 -14.19 18.12 -1.39
C PHE B 76 -14.65 17.75 0.01
N LEU B 77 -13.69 17.51 0.91
CA LEU B 77 -13.97 17.10 2.29
C LEU B 77 -14.43 18.25 3.18
N GLY B 78 -14.33 19.48 2.68
CA GLY B 78 -14.72 20.63 3.47
C GLY B 78 -13.80 20.88 4.65
N ASN B 79 -12.54 20.49 4.55
CA ASN B 79 -11.62 20.59 5.68
C ASN B 79 -10.30 21.11 5.11
N ASP B 80 -10.01 22.35 5.45
CA ASP B 80 -8.83 23.05 4.92
C ASP B 80 -7.51 22.54 5.50
N ASP B 81 -7.58 21.76 6.58
CA ASP B 81 -6.38 21.15 7.12
C ASP B 81 -6.76 19.91 7.94
N PRO B 82 -6.96 18.77 7.27
CA PRO B 82 -7.27 17.52 7.97
C PRO B 82 -6.24 17.10 9.02
N PHE B 83 -5.02 17.59 8.89
CA PHE B 83 -3.92 17.18 9.76
C PHE B 83 -3.71 18.05 10.98
N ILE B 84 -4.61 18.95 11.27
CA ILE B 84 -4.39 19.91 12.32
C ILE B 84 -4.07 19.20 13.63
N GLU B 85 -4.83 18.18 13.98
CA GLU B 85 -4.65 17.47 15.25
C GLU B 85 -3.37 16.65 15.27
N TYR B 86 -3.13 15.92 14.20
CA TYR B 86 -1.90 15.15 14.03
C TYR B 86 -0.65 16.03 14.20
N LYS B 87 -0.71 17.23 13.65
CA LYS B 87 0.36 18.15 13.69
C LYS B 87 0.53 18.68 15.11
N LEU B 88 -0.56 19.04 15.80
CA LEU B 88 -0.46 19.48 17.22
C LEU B 88 0.15 18.38 18.06
N LYS B 89 -0.27 17.14 17.85
CA LYS B 89 0.30 16.02 18.60
C LYS B 89 1.79 15.86 18.35
N SER B 90 2.20 15.90 17.07
CA SER B 90 3.62 15.82 16.74
C SER B 90 4.45 16.94 17.30
N GLU B 91 3.95 18.16 17.23
CA GLU B 91 4.66 19.30 17.74
C GLU B 91 4.93 19.16 19.24
N GLU B 92 3.90 18.84 20.01
CA GLU B 92 4.02 18.74 21.46
C GLU B 92 5.04 17.70 21.86
N MSE B 93 4.98 16.54 21.21
CA MSE B 93 5.95 15.49 21.48
C MSE B 93 7.37 15.86 21.06
O MSE B 93 8.32 15.63 21.81
CB MSE B 93 5.52 14.19 20.77
CG MSE B 93 6.48 12.99 21.01
SE MSE B 93 6.57 12.44 22.87
CE MSE B 93 5.43 11.12 22.88
N ALA B 94 7.52 16.38 19.85
CA ALA B 94 8.82 16.69 19.33
C ALA B 94 9.51 17.77 20.16
N ARG B 95 8.74 18.77 20.63
CA ARG B 95 9.29 19.82 21.49
C ARG B 95 9.92 19.20 22.74
N LYS B 96 9.17 18.32 23.38
CA LYS B 96 9.66 17.65 24.61
C LYS B 96 10.87 16.74 24.37
N VAL B 97 10.84 15.97 23.29
CA VAL B 97 11.97 15.17 22.91
C VAL B 97 13.20 16.04 22.67
N ALA B 98 13.04 17.11 21.91
CA ALA B 98 14.18 18.00 21.61
C ALA B 98 14.77 18.59 22.90
N ASP B 99 13.91 18.91 23.86
CA ASP B 99 14.35 19.44 25.13
C ASP B 99 15.22 18.45 25.91
N ILE B 100 14.84 17.18 25.90
CA ILE B 100 15.64 16.13 26.52
C ILE B 100 16.96 15.98 25.78
N ILE B 101 16.93 16.04 24.46
CA ILE B 101 18.16 15.92 23.68
C ILE B 101 19.13 17.04 24.06
N LYS B 102 18.64 18.28 24.10
CA LYS B 102 19.46 19.42 24.49
C LYS B 102 20.05 19.23 25.87
N ARG B 103 19.28 18.63 26.78
CA ARG B 103 19.78 18.33 28.13
C ARG B 103 20.78 17.18 28.16
N LYS B 104 20.46 16.05 27.52
CA LYS B 104 21.27 14.82 27.70
C LYS B 104 22.47 14.75 26.77
N LEU B 105 22.41 15.40 25.62
CA LEU B 105 23.43 15.25 24.60
C LEU B 105 24.07 16.58 24.29
N LYS B 106 25.35 16.55 23.98
CA LYS B 106 26.00 17.73 23.45
C LYS B 106 26.52 17.37 22.07
N LEU B 107 25.73 17.70 21.06
CA LEU B 107 25.98 17.18 19.72
C LEU B 107 26.97 18.07 19.03
N ASP B 108 27.91 17.44 18.34
CA ASP B 108 28.79 18.16 17.47
C ASP B 108 28.07 18.41 16.13
N PHE B 109 28.74 19.07 15.20
CA PHE B 109 28.04 19.42 13.93
C PHE B 109 27.66 18.19 13.13
N GLU B 110 28.55 17.21 13.08
CA GLU B 110 28.27 15.98 12.33
C GLU B 110 26.97 15.34 12.84
N LEU B 111 26.82 15.25 14.16
CA LEU B 111 25.64 14.60 14.75
C LEU B 111 24.41 15.49 14.73
N ALA B 112 24.59 16.82 14.74
CA ALA B 112 23.42 17.70 14.55
C ALA B 112 22.79 17.52 13.18
N VAL B 113 23.61 17.32 12.15
CA VAL B 113 23.13 17.10 10.81
C VAL B 113 22.39 15.80 10.78
N LYS B 114 22.99 14.78 11.37
CA LYS B 114 22.33 13.46 11.45
C LYS B 114 20.98 13.57 12.19
N LEU B 115 20.95 14.35 13.27
CA LEU B 115 19.73 14.56 14.06
C LEU B 115 18.62 15.24 13.24
N ALA B 116 18.96 16.26 12.47
CA ALA B 116 18.02 16.87 11.54
C ALA B 116 17.42 15.88 10.59
N ILE B 117 18.22 14.97 10.05
CA ILE B 117 17.73 13.97 9.11
C ILE B 117 16.81 12.99 9.84
N ILE B 118 17.23 12.54 11.02
CA ILE B 118 16.41 11.62 11.83
C ILE B 118 15.04 12.22 12.18
N GLY B 119 14.98 13.53 12.36
CA GLY B 119 13.74 14.23 12.67
C GLY B 119 12.68 14.03 11.58
N ASN B 120 13.14 13.87 10.35
CA ASN B 120 12.30 13.55 9.21
C ASN B 120 11.70 12.12 9.33
N VAL B 121 12.31 11.26 10.14
CA VAL B 121 11.95 9.85 10.19
C VAL B 121 10.94 9.52 11.27
N ILE B 122 11.01 10.23 12.39
CA ILE B 122 10.24 9.85 13.56
C ILE B 122 8.77 10.28 13.44
N ASP B 123 7.87 9.37 13.79
CA ASP B 123 6.45 9.69 13.95
C ASP B 123 6.19 10.09 15.39
N PHE B 124 6.24 11.39 15.59
CA PHE B 124 6.09 11.96 16.92
C PHE B 124 4.67 11.87 17.49
N SER B 125 3.70 11.60 16.62
CA SER B 125 2.30 11.58 17.04
C SER B 125 1.88 10.32 17.83
N VAL B 126 2.70 9.25 17.81
CA VAL B 126 2.30 7.97 18.32
C VAL B 126 3.25 7.38 19.37
N GLY B 127 4.14 8.18 19.90
CA GLY B 127 5.10 7.72 20.90
C GLY B 127 4.52 7.39 22.26
N PHE B 128 5.30 6.66 23.05
CA PHE B 128 4.93 6.30 24.40
C PHE B 128 5.14 7.51 25.33
N SER B 129 6.34 8.08 25.25
CA SER B 129 6.76 9.19 26.09
C SER B 129 7.91 9.92 25.39
N PRO B 130 8.15 11.18 25.75
CA PRO B 130 9.33 11.84 25.15
C PRO B 130 10.64 11.14 25.48
N GLU B 131 10.73 10.53 26.65
CA GLU B 131 11.98 9.84 27.05
CA GLU B 131 11.93 9.83 27.08
C GLU B 131 12.17 8.59 26.20
N ASP B 132 11.10 7.86 25.93
CA ASP B 132 11.18 6.66 25.14
C ASP B 132 11.63 6.98 23.72
N LEU B 133 11.06 8.05 23.15
CA LEU B 133 11.46 8.48 21.81
C LEU B 133 12.91 9.01 21.77
N GLU B 134 13.30 9.76 22.79
CA GLU B 134 14.66 10.25 22.83
C GLU B 134 15.68 9.10 22.86
N GLU B 135 15.37 8.01 23.57
CA GLU B 135 16.24 6.84 23.58
C GLU B 135 16.35 6.16 22.21
N GLU B 136 15.25 6.12 21.47
CA GLU B 136 15.25 5.63 20.09
CA GLU B 136 15.28 5.61 20.10
C GLU B 136 16.13 6.53 19.22
N VAL B 137 16.02 7.84 19.41
CA VAL B 137 16.85 8.78 18.70
C VAL B 137 18.33 8.52 18.98
N GLU B 138 18.71 8.27 20.24
CA GLU B 138 20.10 8.00 20.57
C GLU B 138 20.63 6.78 19.81
N LYS B 139 19.78 5.78 19.63
CA LYS B 139 20.18 4.60 18.89
C LYS B 139 20.35 4.94 17.43
N MSE B 140 19.44 5.74 16.88
CA MSE B 140 19.50 6.09 15.47
C MSE B 140 20.69 6.98 15.15
O MSE B 140 21.14 7.01 14.02
CB MSE B 140 18.22 6.74 15.01
CG MSE B 140 17.08 5.79 14.91
SE MSE B 140 15.45 6.80 14.51
CE MSE B 140 14.98 7.26 16.16
N LEU B 141 21.20 7.70 16.14
CA LEU B 141 22.33 8.59 15.93
C LEU B 141 23.62 7.79 15.67
N LYS B 142 23.56 6.50 15.92
CA LYS B 142 24.71 5.64 15.65
C LYS B 142 24.69 5.16 14.20
N ASP B 143 23.60 5.38 13.48
CA ASP B 143 23.53 5.00 12.07
C ASP B 143 24.46 5.85 11.21
N LYS B 144 24.96 5.22 10.15
CA LYS B 144 25.90 5.86 9.26
C LYS B 144 25.15 6.39 8.06
N LEU B 145 25.44 7.65 7.71
CA LEU B 145 24.96 8.24 6.48
C LEU B 145 25.55 7.49 5.30
N TYR B 146 24.72 7.23 4.31
CA TYR B 146 25.17 6.53 3.13
C TYR B 146 25.93 7.46 2.19
N ILE B 147 25.42 8.68 2.04
CA ILE B 147 26.15 9.74 1.37
C ILE B 147 26.30 10.82 2.43
N ASP B 148 27.50 11.33 2.56
CA ASP B 148 27.80 12.23 3.68
C ASP B 148 28.69 13.38 3.27
N ASP B 149 28.05 14.50 2.93
CA ASP B 149 28.74 15.72 2.60
C ASP B 149 28.69 16.74 3.74
N SER B 150 28.51 16.26 4.97
CA SER B 150 28.34 17.11 6.15
CA SER B 150 28.30 17.18 6.08
C SER B 150 29.54 18.01 6.44
N LYS B 151 30.75 17.50 6.16
CA LYS B 151 31.98 18.26 6.43
C LYS B 151 32.09 19.48 5.51
N GLU B 152 31.70 19.29 4.27
CA GLU B 152 31.57 20.36 3.31
C GLU B 152 30.46 21.36 3.68
N LEU B 153 29.36 20.87 4.21
CA LEU B 153 28.31 21.74 4.72
C LEU B 153 28.87 22.63 5.85
N PHE B 154 29.63 22.00 6.75
CA PHE B 154 30.29 22.63 7.90
C PHE B 154 31.12 23.78 7.42
N GLU B 155 31.96 23.50 6.43
CA GLU B 155 32.84 24.54 5.91
C GLU B 155 32.05 25.66 5.23
N GLU B 156 31.05 25.30 4.45
CA GLU B 156 30.26 26.29 3.75
C GLU B 156 29.47 27.21 4.68
N VAL B 157 28.89 26.66 5.75
CA VAL B 157 28.14 27.48 6.67
C VAL B 157 29.03 28.43 7.43
N LYS B 158 30.25 28.00 7.76
CA LYS B 158 31.17 28.88 8.46
C LYS B 158 31.50 30.08 7.59
N ARG B 159 31.65 29.87 6.29
CA ARG B 159 31.99 30.99 5.42
C ARG B 159 30.76 31.77 4.89
N ALA B 160 29.54 31.29 5.15
CA ALA B 160 28.34 31.95 4.64
C ALA B 160 27.97 33.24 5.36
N GLU B 161 27.44 34.17 4.58
CA GLU B 161 26.81 35.37 5.13
C GLU B 161 25.30 35.25 5.16
N ASN B 162 24.76 34.37 4.33
CA ASN B 162 23.34 34.17 4.22
C ASN B 162 23.07 32.66 4.01
N ILE B 163 22.19 32.11 4.83
CA ILE B 163 21.84 30.70 4.76
C ILE B 163 20.35 30.56 4.64
N LEU B 164 19.88 29.79 3.65
CA LEU B 164 18.46 29.43 3.58
C LEU B 164 18.23 27.98 4.01
N TYR B 165 17.33 27.80 4.98
CA TYR B 165 16.97 26.53 5.54
C TYR B 165 15.52 26.23 5.17
N ILE B 166 15.34 25.23 4.32
CA ILE B 166 14.00 24.89 3.80
C ILE B 166 13.46 23.67 4.52
N THR B 167 12.44 23.89 5.36
CA THR B 167 11.90 22.86 6.21
C THR B 167 11.00 21.89 5.48
N ASP B 168 10.61 20.84 6.20
CA ASP B 168 9.74 19.84 5.65
C ASP B 168 8.56 19.65 6.61
N ASN B 169 8.59 18.65 7.46
CA ASN B 169 7.44 18.34 8.32
C ASN B 169 7.47 19.02 9.65
N VAL B 170 6.28 19.16 10.26
CA VAL B 170 6.22 19.57 11.66
C VAL B 170 6.69 18.40 12.53
N GLY B 171 7.29 18.70 13.66
CA GLY B 171 7.92 17.70 14.51
C GLY B 171 9.40 17.83 14.25
N GLU B 172 9.76 17.42 13.06
CA GLU B 172 11.07 17.58 12.46
C GLU B 172 11.64 18.95 12.69
N HIS B 173 10.80 19.95 12.59
CA HIS B 173 11.29 21.34 12.74
C HIS B 173 11.94 21.67 14.09
N TYR B 174 11.61 20.92 15.12
CA TYR B 174 12.29 21.06 16.41
C TYR B 174 13.70 20.45 16.43
N PHE B 175 13.94 19.45 15.58
CA PHE B 175 15.28 18.93 15.36
C PHE B 175 16.09 19.88 14.42
N ASP B 176 15.43 20.41 13.39
CA ASP B 176 15.99 21.48 12.56
C ASP B 176 16.45 22.64 13.41
N ALA B 177 15.66 23.04 14.39
CA ALA B 177 16.07 24.11 15.30
C ALA B 177 17.38 23.84 16.03
N ILE B 178 17.63 22.58 16.40
CA ILE B 178 18.90 22.20 17.01
C ILE B 178 20.02 22.36 16.02
N LEU B 179 19.85 21.91 14.77
CA LEU B 179 20.88 22.11 13.77
C LEU B 179 21.10 23.61 13.53
N ILE B 180 20.02 24.38 13.47
CA ILE B 180 20.12 25.82 13.21
C ILE B 180 20.87 26.51 14.39
N GLU B 181 20.62 26.09 15.64
CA GLU B 181 21.36 26.62 16.79
C GLU B 181 22.85 26.34 16.64
N LYS B 182 23.19 25.16 16.17
CA LYS B 182 24.60 24.81 15.95
C LYS B 182 25.25 25.68 14.86
N ILE B 183 24.52 25.91 13.78
CA ILE B 183 24.97 26.81 12.69
C ILE B 183 25.28 28.21 13.21
N ARG B 184 24.40 28.70 14.07
CA ARG B 184 24.60 30.02 14.68
C ARG B 184 25.75 30.07 15.67
N GLU B 185 26.10 28.94 16.28
CA GLU B 185 27.30 28.85 17.10
C GLU B 185 28.58 28.98 16.27
N ILE B 186 28.56 28.63 14.97
CA ILE B 186 29.81 28.55 14.20
C ILE B 186 29.88 29.49 13.01
N SER B 187 28.80 30.19 12.74
CA SER B 187 28.70 31.07 11.56
C SER B 187 28.16 32.42 11.97
N ASN B 188 28.57 33.46 11.24
CA ASN B 188 27.95 34.77 11.39
C ASN B 188 26.80 35.02 10.43
N ALA B 189 26.40 34.01 9.66
CA ALA B 189 25.37 34.18 8.62
C ALA B 189 24.03 34.57 9.20
N GLU B 190 23.26 35.36 8.46
CA GLU B 190 21.82 35.46 8.71
C GLU B 190 21.12 34.20 8.15
N VAL B 191 20.24 33.64 8.96
CA VAL B 191 19.52 32.44 8.60
C VAL B 191 18.09 32.80 8.25
N TYR B 192 17.69 32.35 7.07
CA TYR B 192 16.31 32.42 6.59
C TYR B 192 15.75 31.04 6.67
N ILE B 193 14.56 30.93 7.25
CA ILE B 193 13.94 29.67 7.49
C ILE B 193 12.59 29.61 6.73
N ALA B 194 12.49 28.71 5.76
CA ALA B 194 11.31 28.67 4.89
C ALA B 194 10.34 27.55 5.22
N GLY B 195 9.08 27.93 5.30
CA GLY B 195 7.97 27.02 5.39
C GLY B 195 6.91 27.35 4.37
N LYS B 196 5.84 26.55 4.36
CA LYS B 196 4.79 26.66 3.39
C LYS B 196 3.86 27.81 3.75
N GLU B 197 3.18 28.37 2.76
CA GLU B 197 2.20 29.44 2.94
C GLU B 197 1.01 29.02 3.76
N GLY B 198 0.54 27.79 3.56
CA GLY B 198 -0.61 27.25 4.28
C GLY B 198 -0.51 25.73 4.33
N PRO B 199 -1.45 25.07 5.04
CA PRO B 199 -1.28 23.63 5.26
C PRO B 199 -1.29 22.75 3.98
N ILE B 200 -0.41 21.74 3.98
CA ILE B 200 -0.36 20.70 3.00
C ILE B 200 0.24 19.48 3.71
N ILE B 201 -0.55 18.42 3.74
CA ILE B 201 -0.25 17.23 4.54
CA ILE B 201 -0.26 17.25 4.54
C ILE B 201 0.38 17.69 5.88
N ASN B 202 1.51 17.10 6.28
CA ASN B 202 2.18 17.30 7.56
CA ASN B 202 2.07 17.42 7.62
C ASN B 202 3.22 18.42 7.53
N ASP B 203 3.33 19.14 6.43
CA ASP B 203 4.43 20.10 6.27
C ASP B 203 4.27 21.31 7.13
N ALA B 204 5.41 21.87 7.53
CA ALA B 204 5.41 22.99 8.41
C ALA B 204 5.11 24.25 7.60
N THR B 205 4.12 24.99 8.08
CA THR B 205 3.80 26.29 7.55
C THR B 205 4.55 27.35 8.31
N VAL B 206 4.53 28.55 7.76
CA VAL B 206 5.18 29.66 8.44
CA VAL B 206 5.12 29.71 8.41
C VAL B 206 4.61 29.89 9.84
N GLU B 207 3.30 29.72 10.01
CA GLU B 207 2.76 29.96 11.33
CA GLU B 207 2.63 29.88 11.31
C GLU B 207 3.22 28.87 12.31
N ASP B 208 3.36 27.62 11.84
CA ASP B 208 3.92 26.52 12.65
C ASP B 208 5.34 26.87 13.07
N LEU B 209 6.16 27.36 12.14
CA LEU B 209 7.54 27.75 12.49
C LEU B 209 7.60 28.91 13.48
N LYS B 210 6.76 29.89 13.26
CA LYS B 210 6.67 31.04 14.14
C LYS B 210 6.21 30.66 15.53
N ARG B 211 5.18 29.81 15.62
CA ARG B 211 4.66 29.33 16.90
CA ARG B 211 4.68 29.40 16.92
C ARG B 211 5.67 28.48 17.66
N ALA B 212 6.59 27.88 16.95
CA ALA B 212 7.67 27.11 17.59
C ALA B 212 8.82 27.99 18.09
N GLY B 213 8.76 29.28 17.81
CA GLY B 213 9.77 30.20 18.29
C GLY B 213 10.98 30.30 17.39
N LEU B 214 10.88 29.84 16.14
CA LEU B 214 12.03 29.86 15.24
CA LEU B 214 12.03 29.87 15.24
C LEU B 214 12.47 31.27 14.83
N GLU B 215 11.63 32.28 15.04
CA GLU B 215 12.07 33.67 14.77
C GLU B 215 13.19 34.15 15.69
N LYS B 216 13.41 33.45 16.79
CA LYS B 216 14.58 33.67 17.64
C LYS B 216 15.87 33.23 16.95
N LEU B 217 15.79 32.31 15.98
CA LEU B 217 16.96 31.80 15.28
C LEU B 217 17.22 32.42 13.90
N GLY B 218 16.19 32.91 13.23
CA GLY B 218 16.34 33.53 11.90
C GLY B 218 15.06 34.14 11.39
N LYS B 219 15.07 34.68 10.17
CA LYS B 219 13.86 35.25 9.61
C LYS B 219 13.04 34.10 9.02
N VAL B 220 11.82 33.91 9.50
CA VAL B 220 10.91 32.95 8.94
C VAL B 220 10.17 33.50 7.72
N ILE B 221 10.25 32.78 6.63
CA ILE B 221 9.63 33.18 5.39
C ILE B 221 8.82 32.06 4.77
N SER B 222 7.91 32.45 3.90
CA SER B 222 6.99 31.55 3.20
C SER B 222 7.54 31.20 1.82
N THR B 223 7.35 29.97 1.35
CA THR B 223 7.59 29.65 -0.05
C THR B 223 6.56 30.31 -0.97
N GLY B 224 5.41 30.68 -0.43
CA GLY B 224 4.35 31.31 -1.22
C GLY B 224 3.31 30.33 -1.73
N THR B 225 3.42 29.06 -1.35
CA THR B 225 2.52 28.04 -1.87
C THR B 225 2.13 27.01 -0.80
N ARG B 226 1.05 26.29 -1.09
CA ARG B 226 0.63 25.16 -0.32
C ARG B 226 1.03 23.88 -1.06
N ILE B 227 2.18 23.93 -1.73
CA ILE B 227 2.72 22.83 -2.48
C ILE B 227 3.95 22.28 -1.74
N VAL B 228 4.03 20.95 -1.72
CA VAL B 228 5.16 20.23 -1.18
C VAL B 228 6.41 20.60 -1.98
N GLY B 229 7.51 20.70 -1.29
CA GLY B 229 8.77 21.02 -1.92
C GLY B 229 8.86 22.48 -2.31
N VAL B 230 9.62 22.73 -3.36
CA VAL B 230 9.86 24.07 -3.86
C VAL B 230 9.58 24.10 -5.36
N PRO B 231 8.33 24.28 -5.77
CA PRO B 231 7.98 24.36 -7.19
C PRO B 231 8.45 25.71 -7.74
N LEU B 232 9.58 25.70 -8.40
CA LEU B 232 10.29 26.92 -8.74
C LEU B 232 9.50 27.88 -9.61
N LYS B 233 8.51 27.40 -10.34
CA LYS B 233 7.70 28.30 -11.14
C LYS B 233 6.53 28.90 -10.38
N LEU B 234 6.32 28.47 -9.14
CA LEU B 234 5.13 28.90 -8.38
C LEU B 234 5.46 29.65 -7.12
N VAL B 235 6.69 29.49 -6.63
CA VAL B 235 7.06 30.10 -5.37
C VAL B 235 7.08 31.61 -5.52
N SER B 236 6.97 32.30 -4.39
CA SER B 236 6.83 33.74 -4.41
C SER B 236 8.13 34.43 -4.81
N ARG B 237 7.98 35.68 -5.24
CA ARG B 237 9.11 36.58 -5.48
C ARG B 237 9.98 36.75 -4.23
N GLU B 238 9.36 36.86 -3.06
CA GLU B 238 10.15 36.99 -1.82
C GLU B 238 10.98 35.74 -1.54
N PHE B 239 10.37 34.56 -1.75
CA PHE B 239 11.12 33.34 -1.58
C PHE B 239 12.32 33.31 -2.53
N MSE B 240 12.11 33.65 -3.79
CA MSE B 240 13.19 33.62 -4.78
C MSE B 240 14.33 34.56 -4.45
O MSE B 240 15.49 34.24 -4.70
CB MSE B 240 12.66 33.92 -6.19
CG MSE B 240 11.87 32.76 -6.76
SE MSE B 240 12.91 31.07 -6.77
CE MSE B 240 14.30 31.86 -7.87
N GLU B 241 14.03 35.71 -3.87
CA GLU B 241 15.05 36.66 -3.49
C GLU B 241 15.93 36.04 -2.41
N ALA B 242 15.31 35.33 -1.47
CA ALA B 242 16.09 34.66 -0.44
C ALA B 242 16.91 33.52 -1.05
N PHE B 243 16.24 32.79 -1.94
CA PHE B 243 16.85 31.64 -2.64
C PHE B 243 18.08 32.08 -3.43
N ASN B 244 17.93 33.17 -4.19
CA ASN B 244 19.03 33.69 -5.00
C ASN B 244 20.17 34.32 -4.20
N LYS B 245 19.90 34.91 -3.04
CA LYS B 245 20.95 35.50 -2.17
C LYS B 245 21.72 34.48 -1.32
N ALA B 246 21.10 33.33 -1.04
CA ALA B 246 21.71 32.30 -0.19
C ALA B 246 23.12 31.95 -0.63
N ASP B 247 24.03 31.86 0.33
CA ASP B 247 25.36 31.32 0.09
C ASP B 247 25.29 29.80 0.13
N VAL B 248 24.42 29.29 1.02
CA VAL B 248 24.23 27.86 1.26
C VAL B 248 22.73 27.64 1.40
N ILE B 249 22.22 26.55 0.85
CA ILE B 249 20.79 26.19 0.97
C ILE B 249 20.72 24.81 1.55
N ILE B 250 20.09 24.68 2.70
CA ILE B 250 19.83 23.40 3.30
C ILE B 250 18.37 23.05 3.05
N ALA B 251 18.16 21.93 2.35
CA ALA B 251 16.83 21.47 1.96
C ALA B 251 16.49 20.12 2.63
N LYS B 252 15.42 20.11 3.41
CA LYS B 252 14.97 18.91 4.15
C LYS B 252 13.97 18.05 3.41
N GLY B 253 14.25 16.75 3.31
CA GLY B 253 13.25 15.76 2.93
C GLY B 253 13.10 15.53 1.45
N GLN B 254 12.20 14.60 1.14
CA GLN B 254 12.08 14.07 -0.21
C GLN B 254 11.49 15.05 -1.20
N GLY B 255 10.45 15.76 -0.81
CA GLY B 255 9.80 16.72 -1.72
C GLY B 255 10.68 17.89 -2.15
N ASN B 256 11.40 18.46 -1.20
CA ASN B 256 12.37 19.47 -1.50
C ASN B 256 13.44 18.91 -2.42
N PHE B 257 13.87 17.68 -2.18
CA PHE B 257 14.83 17.07 -3.10
C PHE B 257 14.28 16.96 -4.51
N GLU B 258 13.09 16.42 -4.65
CA GLU B 258 12.56 16.13 -5.95
C GLU B 258 12.41 17.37 -6.77
N THR B 259 11.98 18.46 -6.13
CA THR B 259 11.75 19.72 -6.81
C THR B 259 13.02 20.53 -7.09
N LEU B 260 14.08 20.35 -6.29
CA LEU B 260 15.31 21.13 -6.41
C LEU B 260 16.45 20.41 -7.13
N SER B 261 16.31 19.11 -7.30
CA SER B 261 17.39 18.32 -7.88
C SER B 261 17.35 18.40 -9.41
N GLU B 262 16.33 19.03 -9.97
CA GLU B 262 16.32 19.32 -11.42
C GLU B 262 17.47 20.27 -11.79
N ILE B 263 17.75 21.24 -10.92
CA ILE B 263 18.58 22.39 -11.30
C ILE B 263 20.05 22.23 -10.93
N ASN B 264 20.89 22.89 -11.71
CA ASN B 264 22.33 22.90 -11.50
C ASN B 264 22.67 23.98 -10.49
N ASP B 265 22.87 23.57 -9.23
CA ASP B 265 23.12 24.54 -8.15
C ASP B 265 23.83 23.91 -6.93
N SER B 266 25.12 24.18 -6.79
CA SER B 266 25.97 23.51 -5.81
C SER B 266 25.87 24.10 -4.41
N ARG B 267 25.12 25.18 -4.26
CA ARG B 267 24.83 25.73 -2.96
C ARG B 267 23.88 24.86 -2.12
N ILE B 268 23.21 23.90 -2.76
CA ILE B 268 22.12 23.16 -2.12
C ILE B 268 22.64 21.83 -1.57
N PHE B 269 22.31 21.56 -0.30
CA PHE B 269 22.58 20.30 0.39
C PHE B 269 21.26 19.71 0.76
N PHE B 270 21.05 18.48 0.34
CA PHE B 270 19.84 17.73 0.61
C PHE B 270 20.07 16.86 1.83
N LEU B 271 19.19 16.98 2.83
CA LEU B 271 19.22 16.19 4.05
C LEU B 271 17.92 15.42 4.14
N LEU B 272 17.98 14.10 3.96
CA LEU B 272 16.78 13.29 3.95
C LEU B 272 17.09 11.84 4.20
N LYS B 273 16.02 11.11 4.50
CA LYS B 273 15.99 9.69 4.37
C LYS B 273 15.29 9.29 3.05
N ALA B 274 15.94 8.40 2.32
CA ALA B 274 15.43 7.91 1.04
C ALA B 274 14.42 6.80 1.34
N LYS B 275 13.29 7.22 1.87
CA LYS B 275 12.23 6.32 2.30
C LYS B 275 11.58 5.62 1.12
N CYS B 276 11.32 6.34 0.02
CA CYS B 276 10.63 5.77 -1.14
CA CYS B 276 10.63 5.70 -1.09
C CYS B 276 11.63 5.12 -2.10
N PRO B 277 11.27 3.97 -2.70
CA PRO B 277 12.24 3.34 -3.58
C PRO B 277 12.59 4.18 -4.79
N ALA B 278 11.64 4.99 -5.24
CA ALA B 278 11.91 5.89 -6.36
C ALA B 278 13.01 6.86 -6.02
N VAL B 279 12.93 7.49 -4.84
CA VAL B 279 13.95 8.43 -4.39
C VAL B 279 15.27 7.70 -4.15
N ALA B 280 15.23 6.53 -3.54
CA ALA B 280 16.45 5.76 -3.36
C ALA B 280 17.08 5.48 -4.71
N ARG B 281 16.26 5.13 -5.71
CA ARG B 281 16.77 4.88 -7.04
C ARG B 281 17.29 6.18 -7.69
N GLU B 282 16.58 7.30 -7.52
CA GLU B 282 17.07 8.60 -8.02
C GLU B 282 18.46 8.89 -7.43
N LEU B 283 18.61 8.79 -6.10
CA LEU B 283 19.89 8.99 -5.40
C LEU B 283 20.96 7.90 -5.58
N LYS B 284 20.60 6.76 -6.14
CA LYS B 284 21.48 5.59 -6.23
C LYS B 284 21.99 5.15 -4.86
N VAL B 285 21.06 5.02 -3.92
CA VAL B 285 21.35 4.49 -2.60
C VAL B 285 20.36 3.41 -2.26
N PRO B 286 20.66 2.60 -1.23
CA PRO B 286 19.67 1.63 -0.78
C PRO B 286 18.48 2.29 -0.17
N LYS B 287 17.32 1.65 -0.30
CA LYS B 287 16.11 2.17 0.30
C LYS B 287 16.37 2.37 1.78
N GLY B 288 15.96 3.52 2.29
CA GLY B 288 16.11 3.78 3.72
C GLY B 288 17.38 4.51 4.07
N ALA B 289 18.31 4.65 3.12
CA ALA B 289 19.56 5.32 3.38
C ALA B 289 19.34 6.75 3.92
N LEU B 290 20.22 7.17 4.82
CA LEU B 290 20.24 8.54 5.29
C LEU B 290 21.31 9.24 4.51
N VAL B 291 21.02 10.47 4.10
CA VAL B 291 21.80 11.17 3.11
C VAL B 291 21.97 12.63 3.54
N CYS B 292 23.20 13.12 3.48
CA CYS B 292 23.50 14.55 3.39
C CYS B 292 24.28 14.65 2.08
N MSE B 293 23.67 15.23 1.06
CA MSE B 293 24.24 15.24 -0.24
C MSE B 293 24.22 16.60 -0.88
O MSE B 293 23.16 17.23 -1.00
CB MSE B 293 23.44 14.30 -1.15
CG MSE B 293 24.09 14.19 -2.50
SE MSE B 293 23.14 13.04 -3.71
CE MSE B 293 21.67 14.20 -4.10
N ARG B 294 25.38 17.05 -1.31
CA ARG B 294 25.48 18.32 -2.00
C ARG B 294 25.00 18.11 -3.43
N ASN B 295 24.31 19.13 -3.94
CA ASN B 295 23.70 19.06 -5.25
C ASN B 295 24.79 19.20 -6.34
N LYS B 296 25.48 18.10 -6.62
CA LYS B 296 26.48 18.06 -7.69
C LYS B 296 26.31 16.81 -8.56
N PHE B 297 26.92 16.84 -9.74
CA PHE B 297 26.96 15.66 -10.62
C PHE B 297 27.65 14.51 -9.86
N LYS B 298 27.08 13.30 -9.90
CA LYS B 298 27.68 12.13 -9.22
C LYS B 298 27.85 11.02 -10.24
N LEU B 299 28.99 10.32 -10.21
CA LEU B 299 29.34 9.31 -11.23
C LEU B 299 30.74 9.43 -11.87
O1 UNL C . -8.67 -15.55 -2.23
O2 UNL C . -9.25 -14.31 -2.76
O3 UNL C . -8.28 -13.13 -2.63
O4 UNL C . -6.86 -13.52 -2.98
O5 UNL C . -6.16 -14.10 -2.12
O6 UNL C . -6.44 -13.27 -4.13
O7 UNL C . -9.71 -14.45 -4.21
O8 UNL C . -10.89 -14.66 -4.49
C1 EDO D . -11.60 -2.85 -20.28
O1 EDO D . -12.66 -3.82 -20.14
C2 EDO D . -11.77 -1.71 -19.28
O2 EDO D . -11.12 -2.00 -18.03
C1 EDO E . 15.48 -5.01 -18.19
O1 EDO E . 14.47 -4.62 -19.13
C2 EDO E . 15.94 -3.82 -17.33
O2 EDO E . 15.76 -2.57 -18.03
C1 EDO F . -5.36 -10.89 -22.37
O1 EDO F . -5.84 -10.16 -21.22
C2 EDO F . -3.90 -11.23 -22.09
O2 EDO F . -3.26 -11.89 -23.18
O1 UNL G . 6.46 16.11 2.33
O2 UNL G . 7.46 15.15 2.80
O3 UNL G . 6.93 13.70 2.71
O4 UNL G . 7.08 12.95 4.03
O5 UNL G . 8.22 12.53 4.36
O6 UNL G . 6.05 12.80 4.73
O7 UNL G . 8.79 15.25 2.07
O8 UNL G . 9.00 16.17 1.30
C1 EDO H . -18.74 12.72 -6.02
O1 EDO H . -19.50 11.80 -5.21
C2 EDO H . -17.24 12.44 -5.93
O2 EDO H . -16.95 11.03 -6.06
C1 EDO I . 30.72 10.79 17.01
O1 EDO I . 30.79 10.24 18.34
C2 EDO I . 30.56 12.31 17.11
O2 EDO I . 30.62 12.99 15.82
#